data_3CH0
#
_entry.id   3CH0
#
_cell.length_a   49.532
_cell.length_b   61.211
_cell.length_c   113.699
_cell.angle_alpha   90.000
_cell.angle_beta   90.000
_cell.angle_gamma   90.000
#
_symmetry.space_group_name_H-M   'P 21 21 21'
#
loop_
_entity.id
_entity.type
_entity.pdbx_description
1 polymer 'Glycerophosphodiester phosphodiesterase'
2 non-polymer 'CITRIC ACID'
3 non-polymer 1,2-ETHANEDIOL
4 non-polymer GLYCEROL
5 water water
#
_entity_poly.entity_id   1
_entity_poly.type   'polypeptide(L)'
_entity_poly.pdbx_seq_one_letter_code
;G(MSE)IQVPASFDIQGHRGCRGLLPENTIAAFTKALLLGVTTLEFDLVISKDNRVVVSHDTFFHHEIT(MSE)(MSE)V
DGEDVTEANEKNFNLYA(MSE)NYADIKEIDVG(MSE)KTHPRFKSQKKVPAVKPLFRELIETAEKLSAKIQYNGEIKST
VEGDNIDHPNIALFCDLVVAEIKKAHITDRFTLQSFDVRALEY(MSE)HSQYPDIKLSYLVETKGTLKKQLEKLSFTPAV
YSPDVTLVSKKDIDAAHKLG(MSE)RVIPWTVNTKEEIETLISLGVDGIITDYPDLFFEK
;
_entity_poly.pdbx_strand_id   A
#
loop_
_chem_comp.id
_chem_comp.type
_chem_comp.name
_chem_comp.formula
CIT non-polymer 'CITRIC ACID' 'C6 H8 O7'
EDO non-polymer 1,2-ETHANEDIOL 'C2 H6 O2'
GOL non-polymer GLYCEROL 'C3 H8 O3'
#
# COMPACT_ATOMS: atom_id res chain seq x y z
N GLY A 1 25.78 2.30 -13.18
CA GLY A 1 24.81 1.67 -14.13
C GLY A 1 23.55 1.25 -13.40
N MSE A 2 22.84 0.27 -13.93
CA MSE A 2 21.57 -0.22 -13.37
C MSE A 2 21.70 -0.73 -11.94
O MSE A 2 22.75 -1.27 -11.54
CB MSE A 2 21.01 -1.36 -14.22
CG MSE A 2 20.32 -0.92 -15.47
SE MSE A 2 19.06 -2.28 -16.04
CE MSE A 2 17.37 -1.35 -15.76
N ILE A 3 20.62 -0.60 -11.17
CA ILE A 3 20.57 -1.28 -9.87
C ILE A 3 20.55 -2.79 -10.12
N GLN A 4 21.50 -3.50 -9.55
CA GLN A 4 21.50 -4.97 -9.67
C GLN A 4 20.61 -5.58 -8.59
N VAL A 5 19.68 -6.44 -9.01
CA VAL A 5 18.78 -7.14 -8.06
C VAL A 5 18.95 -8.66 -8.13
N PRO A 6 18.85 -9.35 -6.97
CA PRO A 6 18.88 -10.81 -6.94
C PRO A 6 17.65 -11.42 -7.60
N ALA A 7 17.72 -12.73 -7.81
CA ALA A 7 16.60 -13.47 -8.35
C ALA A 7 15.41 -13.34 -7.40
N SER A 8 14.24 -13.18 -8.00
CA SER A 8 12.99 -13.15 -7.26
C SER A 8 12.81 -11.90 -6.37
N PHE A 9 13.60 -10.86 -6.61
CA PHE A 9 13.47 -9.61 -5.85
C PHE A 9 12.13 -8.94 -6.16
N ASP A 10 11.50 -8.37 -5.14
CA ASP A 10 10.17 -7.76 -5.28
C ASP A 10 10.28 -6.24 -5.35
N ILE A 11 10.19 -5.69 -6.56
CA ILE A 11 10.15 -4.25 -6.81
C ILE A 11 8.68 -3.81 -6.68
N GLN A 12 8.37 -3.04 -5.63
CA GLN A 12 7.02 -2.58 -5.33
C GLN A 12 6.90 -1.09 -5.63
N GLY A 13 5.95 -0.72 -6.46
CA GLY A 13 5.63 0.68 -6.70
C GLY A 13 4.71 1.21 -5.62
N HIS A 14 5.23 2.11 -4.75
CA HIS A 14 4.51 2.62 -3.59
C HIS A 14 3.34 3.49 -4.08
N ARG A 15 2.11 3.12 -3.76
CA ARG A 15 0.94 3.83 -4.28
C ARG A 15 0.98 3.94 -5.78
N GLY A 16 1.44 2.83 -6.35
CA GLY A 16 1.68 2.74 -7.81
C GLY A 16 3.02 3.38 -8.08
N CYS A 17 3.09 4.71 -7.99
CA CYS A 17 4.36 5.40 -8.15
C CYS A 17 4.21 6.86 -7.75
N ARG A 18 3.97 7.10 -6.48
CA ARG A 18 3.73 8.48 -5.96
C ARG A 18 4.76 9.52 -6.35
N GLY A 19 6.02 9.12 -6.46
CA GLY A 19 7.05 10.11 -6.87
C GLY A 19 6.84 10.63 -8.28
N LEU A 20 6.19 9.84 -9.13
CA LEU A 20 6.06 10.16 -10.54
C LEU A 20 4.70 10.71 -10.93
N LEU A 21 3.64 10.19 -10.29
CA LEU A 21 2.27 10.47 -10.66
C LEU A 21 1.41 10.51 -9.41
N PRO A 22 0.23 11.15 -9.47
CA PRO A 22 -0.66 11.19 -8.31
C PRO A 22 -0.84 9.82 -7.67
N GLU A 23 -0.61 9.76 -6.36
CA GLU A 23 -0.60 8.45 -5.70
C GLU A 23 -1.90 7.68 -5.80
N ASN A 24 -1.79 6.38 -5.88
CA ASN A 24 -2.98 5.53 -5.72
C ASN A 24 -4.06 5.80 -6.80
N THR A 25 -3.60 6.16 -7.99
CA THR A 25 -4.50 6.43 -9.11
C THR A 25 -4.23 5.39 -10.20
N ILE A 26 -5.26 5.22 -11.02
CA ILE A 26 -5.16 4.29 -12.16
C ILE A 26 -3.99 4.75 -13.05
N ALA A 27 -3.78 6.05 -13.21
CA ALA A 27 -2.60 6.49 -14.00
C ALA A 27 -1.30 5.98 -13.36
N ALA A 28 -1.16 6.14 -12.04
CA ALA A 28 0.04 5.67 -11.37
C ALA A 28 0.23 4.15 -11.48
N PHE A 29 -0.86 3.42 -11.31
CA PHE A 29 -0.76 1.97 -11.40
C PHE A 29 -0.40 1.53 -12.80
N THR A 30 -0.97 2.18 -13.80
CA THR A 30 -0.66 1.84 -15.21
C THR A 30 0.78 2.13 -15.55
N LYS A 31 1.30 3.29 -15.12
CA LYS A 31 2.71 3.61 -15.28
C LYS A 31 3.60 2.56 -14.63
N ALA A 32 3.31 2.19 -13.37
CA ALA A 32 4.17 1.23 -12.70
C ALA A 32 4.13 -0.12 -13.43
N LEU A 33 2.95 -0.52 -13.90
CA LEU A 33 2.77 -1.78 -14.63
C LEU A 33 3.66 -1.75 -15.89
N LEU A 34 3.57 -0.64 -16.61
CA LEU A 34 4.33 -0.52 -17.86
C LEU A 34 5.81 -0.41 -17.61
N LEU A 35 6.24 0.15 -16.47
CA LEU A 35 7.66 0.21 -16.14
C LEU A 35 8.19 -1.17 -15.89
N GLY A 36 7.32 -2.05 -15.38
CA GLY A 36 7.69 -3.40 -15.10
C GLY A 36 7.86 -3.76 -13.65
N VAL A 37 7.19 -3.05 -12.75
CA VAL A 37 7.29 -3.45 -11.36
C VAL A 37 6.79 -4.86 -11.09
N THR A 38 7.31 -5.46 -10.03
CA THR A 38 6.85 -6.77 -9.67
C THR A 38 5.42 -6.69 -9.06
N THR A 39 5.20 -5.62 -8.28
CA THR A 39 4.04 -5.49 -7.39
C THR A 39 3.54 -4.06 -7.37
N LEU A 40 2.22 -3.93 -7.45
CA LEU A 40 1.57 -2.65 -7.20
C LEU A 40 1.28 -2.63 -5.70
N GLU A 41 1.75 -1.60 -5.03
CA GLU A 41 1.51 -1.37 -3.62
C GLU A 41 0.45 -0.25 -3.48
N PHE A 42 -0.49 -0.38 -2.57
CA PHE A 42 -1.57 0.58 -2.48
C PHE A 42 -2.32 0.39 -1.18
N ASP A 43 -3.24 1.30 -0.91
CA ASP A 43 -3.94 1.45 0.36
C ASP A 43 -5.43 1.38 0.13
N LEU A 44 -6.16 0.77 1.07
CA LEU A 44 -7.58 0.55 0.94
C LEU A 44 -8.37 1.06 2.13
N VAL A 45 -9.47 1.73 1.77
CA VAL A 45 -10.47 2.24 2.71
C VAL A 45 -11.85 1.90 2.18
N ILE A 46 -12.88 2.20 2.98
CA ILE A 46 -14.29 1.87 2.66
C ILE A 46 -15.16 3.14 2.62
N SER A 47 -15.96 3.26 1.57
CA SER A 47 -16.93 4.34 1.45
C SER A 47 -18.15 4.03 2.32
N LYS A 48 -18.97 5.06 2.51
CA LYS A 48 -20.29 4.90 3.21
C LYS A 48 -21.11 3.75 2.69
N ASP A 49 -21.11 3.56 1.36
CA ASP A 49 -21.83 2.50 0.71
C ASP A 49 -21.03 1.22 0.52
N ASN A 50 -20.03 1.02 1.41
CA ASN A 50 -19.32 -0.24 1.47
C ASN A 50 -18.59 -0.65 0.18
N ARG A 51 -18.14 0.33 -0.59
N ARG A 51 -18.13 0.38 -0.55
CA ARG A 51 -17.23 0.02 -1.68
CA ARG A 51 -17.21 0.24 -1.69
C ARG A 51 -15.80 0.22 -1.19
C ARG A 51 -15.78 0.23 -1.14
N VAL A 52 -14.93 -0.64 -1.70
CA VAL A 52 -13.51 -0.60 -1.37
C VAL A 52 -12.86 0.41 -2.31
N VAL A 53 -12.33 1.48 -1.73
CA VAL A 53 -11.72 2.59 -2.43
C VAL A 53 -10.21 2.58 -2.21
N VAL A 54 -9.45 2.84 -3.27
CA VAL A 54 -7.99 2.96 -3.15
C VAL A 54 -7.63 4.34 -2.65
N SER A 55 -7.10 4.44 -1.42
CA SER A 55 -6.82 5.71 -0.79
C SER A 55 -5.91 5.48 0.42
N HIS A 56 -4.90 6.33 0.54
CA HIS A 56 -3.99 6.24 1.70
C HIS A 56 -4.66 6.57 3.02
N ASP A 57 -5.63 7.49 2.99
CA ASP A 57 -6.34 7.96 4.19
C ASP A 57 -7.82 7.75 4.02
N THR A 58 -8.52 7.68 5.15
CA THR A 58 -9.95 7.63 5.21
C THR A 58 -10.61 8.99 4.99
N PHE A 59 -9.82 10.03 4.73
CA PHE A 59 -10.31 11.38 4.47
C PHE A 59 -9.54 11.89 3.24
N PHE A 60 -10.02 13.01 2.68
CA PHE A 60 -9.27 13.66 1.59
C PHE A 60 -8.15 14.50 2.13
N HIS A 61 -6.91 14.13 1.80
CA HIS A 61 -5.74 14.72 2.41
C HIS A 61 -5.41 16.04 1.76
N HIS A 62 -4.98 16.99 2.58
CA HIS A 62 -4.62 18.31 2.02
C HIS A 62 -3.41 18.29 1.05
N GLU A 63 -2.52 17.29 1.11
CA GLU A 63 -1.37 17.35 0.27
C GLU A 63 -1.76 17.08 -1.15
N ILE A 64 -2.88 16.40 -1.35
CA ILE A 64 -3.22 15.92 -2.70
C ILE A 64 -4.51 16.48 -3.27
N THR A 65 -5.35 17.06 -2.41
CA THR A 65 -6.74 17.35 -2.75
C THR A 65 -6.93 18.88 -2.87
N MSE A 66 -7.23 19.34 -4.09
CA MSE A 66 -7.47 20.77 -4.28
C MSE A 66 -8.64 21.33 -3.49
O MSE A 66 -8.52 22.34 -2.84
CB MSE A 66 -7.69 21.05 -5.78
CG MSE A 66 -7.77 22.54 -6.12
SE MSE A 66 -5.98 23.16 -6.10
CE MSE A 66 -5.64 22.30 -7.80
N MSE A 67 -9.77 20.65 -3.61
N MSE A 67 -9.77 20.67 -3.63
CA MSE A 67 -11.05 21.17 -3.12
CA MSE A 67 -11.02 21.15 -3.02
C MSE A 67 -12.10 20.07 -2.95
C MSE A 67 -12.06 20.06 -2.91
O MSE A 67 -12.17 19.13 -3.75
O MSE A 67 -12.10 19.12 -3.72
CB MSE A 67 -11.52 22.29 -4.09
CB MSE A 67 -11.59 22.31 -3.87
CG MSE A 67 -13.00 22.32 -4.46
CG MSE A 67 -11.90 21.92 -5.30
SE MSE A 67 -13.37 23.43 -6.06
SE MSE A 67 -11.94 23.49 -6.54
CE MSE A 67 -11.47 23.98 -6.41
CE MSE A 67 -12.66 24.77 -5.36
N VAL A 68 -12.89 20.17 -1.87
CA VAL A 68 -14.02 19.28 -1.67
C VAL A 68 -15.27 20.14 -1.48
N ASP A 69 -16.28 19.86 -2.30
CA ASP A 69 -17.56 20.59 -2.25
C ASP A 69 -17.27 22.11 -2.18
N GLY A 70 -16.32 22.56 -3.00
CA GLY A 70 -15.97 23.98 -3.07
C GLY A 70 -14.99 24.51 -2.09
N GLU A 71 -14.62 23.69 -1.08
CA GLU A 71 -13.71 24.13 -0.02
C GLU A 71 -12.24 23.77 -0.27
N ASP A 72 -11.35 24.73 -0.09
CA ASP A 72 -9.90 24.54 -0.06
C ASP A 72 -9.59 23.51 1.05
N VAL A 73 -8.92 22.42 0.69
CA VAL A 73 -8.52 21.38 1.65
C VAL A 73 -7.18 21.73 2.31
N THR A 74 -7.25 21.98 3.62
CA THR A 74 -6.07 22.30 4.42
C THR A 74 -5.92 21.27 5.56
N GLU A 75 -4.80 21.38 6.29
N GLU A 75 -4.82 21.39 6.29
CA GLU A 75 -4.61 20.60 7.51
CA GLU A 75 -4.63 20.57 7.46
C GLU A 75 -5.77 20.80 8.48
C GLU A 75 -5.74 20.81 8.49
N ALA A 76 -6.26 22.03 8.54
CA ALA A 76 -7.35 22.40 9.44
C ALA A 76 -8.68 21.71 9.17
N ASN A 77 -9.03 21.43 7.92
CA ASN A 77 -10.33 20.84 7.61
C ASN A 77 -10.32 19.42 6.98
N GLU A 78 -9.12 18.91 6.68
CA GLU A 78 -9.04 17.67 5.82
C GLU A 78 -9.83 16.51 6.43
N LYS A 79 -9.72 16.36 7.75
CA LYS A 79 -10.43 15.26 8.41
C LYS A 79 -11.94 15.40 8.37
N ASN A 80 -12.46 16.59 8.05
CA ASN A 80 -13.89 16.74 7.79
C ASN A 80 -14.42 15.94 6.60
N PHE A 81 -13.54 15.66 5.63
CA PHE A 81 -13.92 15.08 4.33
C PHE A 81 -13.68 13.58 4.43
N ASN A 82 -14.57 12.97 5.19
CA ASN A 82 -14.42 11.54 5.59
C ASN A 82 -15.04 10.62 4.58
N LEU A 83 -14.21 9.83 3.91
CA LEU A 83 -14.69 8.90 2.90
C LEU A 83 -15.74 7.91 3.38
N TYR A 84 -15.60 7.48 4.63
CA TYR A 84 -16.58 6.56 5.21
C TYR A 84 -18.00 7.17 5.42
N ALA A 85 -18.05 8.52 5.38
CA ALA A 85 -19.32 9.29 5.47
C ALA A 85 -19.81 9.69 4.08
N MSE A 86 -19.09 9.30 3.04
CA MSE A 86 -19.44 9.62 1.65
C MSE A 86 -19.72 8.43 0.77
O MSE A 86 -19.00 7.42 0.79
CB MSE A 86 -18.28 10.43 1.05
CG MSE A 86 -17.95 11.69 1.81
SE MSE A 86 -16.27 12.52 1.20
CE MSE A 86 -16.83 12.89 -0.55
N ASN A 87 -20.78 8.49 -0.06
CA ASN A 87 -20.97 7.46 -1.05
C ASN A 87 -19.90 7.57 -2.14
N TYR A 88 -19.58 6.44 -2.75
CA TYR A 88 -18.53 6.47 -3.76
C TYR A 88 -18.88 7.46 -4.90
N ALA A 89 -20.17 7.56 -5.23
CA ALA A 89 -20.58 8.47 -6.32
C ALA A 89 -20.09 9.88 -6.06
N ASP A 90 -19.98 10.27 -4.81
CA ASP A 90 -19.47 11.57 -4.44
C ASP A 90 -17.95 11.62 -4.33
N ILE A 91 -17.36 10.52 -3.84
CA ILE A 91 -15.90 10.42 -3.68
C ILE A 91 -15.25 10.58 -5.07
N LYS A 92 -15.88 9.98 -6.08
CA LYS A 92 -15.29 9.86 -7.42
C LYS A 92 -15.28 11.21 -8.20
N GLU A 93 -15.92 12.22 -7.63
CA GLU A 93 -15.97 13.54 -8.23
C GLU A 93 -14.87 14.50 -7.83
N ILE A 94 -13.96 14.07 -6.94
CA ILE A 94 -13.04 14.96 -6.30
C ILE A 94 -11.61 14.70 -6.85
N ASP A 95 -11.00 15.74 -7.41
CA ASP A 95 -9.68 15.59 -7.93
C ASP A 95 -8.63 15.40 -6.85
N VAL A 96 -7.77 14.41 -7.07
CA VAL A 96 -6.60 14.16 -6.22
C VAL A 96 -5.31 14.06 -7.03
N GLY A 97 -5.22 14.83 -8.11
CA GLY A 97 -4.01 14.82 -8.89
C GLY A 97 -3.39 16.14 -9.34
N MSE A 98 -4.22 17.17 -9.39
CA MSE A 98 -3.75 18.46 -9.90
C MSE A 98 -3.06 19.38 -8.91
O MSE A 98 -2.37 20.33 -9.29
CB MSE A 98 -4.92 19.23 -10.52
CG MSE A 98 -5.45 18.61 -11.76
SE MSE A 98 -4.12 18.54 -13.25
CE MSE A 98 -3.73 20.47 -13.44
N LYS A 99 -3.31 19.14 -7.62
CA LYS A 99 -2.63 19.92 -6.61
C LYS A 99 -1.17 19.54 -6.47
N THR A 100 -0.29 20.54 -6.36
CA THR A 100 1.09 20.29 -6.12
C THR A 100 1.36 19.67 -4.76
N HIS A 101 2.04 18.52 -4.77
CA HIS A 101 2.43 17.82 -3.56
C HIS A 101 3.75 18.40 -3.05
N PRO A 102 3.71 19.03 -1.86
CA PRO A 102 4.90 19.71 -1.33
C PRO A 102 6.12 18.79 -1.19
N ARG A 103 5.87 17.47 -1.03
CA ARG A 103 6.97 16.54 -0.85
C ARG A 103 7.39 15.74 -2.07
N PHE A 104 6.65 15.91 -3.20
CA PHE A 104 6.93 15.25 -4.46
C PHE A 104 6.74 16.26 -5.58
N LYS A 105 7.67 17.21 -5.61
CA LYS A 105 7.50 18.36 -6.47
C LYS A 105 7.66 18.01 -7.94
N SER A 106 8.30 16.92 -8.27
CA SER A 106 8.41 16.50 -9.67
C SER A 106 7.26 15.58 -10.12
N GLN A 107 6.31 15.29 -9.21
CA GLN A 107 5.15 14.52 -9.59
C GLN A 107 4.40 15.18 -10.73
N LYS A 108 3.97 14.38 -11.69
N LYS A 108 4.06 14.42 -11.77
CA LYS A 108 3.21 14.87 -12.85
CA LYS A 108 3.28 14.98 -12.90
C LYS A 108 1.80 15.27 -12.44
C LYS A 108 1.94 15.35 -12.36
N LYS A 109 1.42 16.48 -12.84
CA LYS A 109 0.09 16.95 -12.53
C LYS A 109 -0.85 16.60 -13.65
N VAL A 110 -1.80 15.72 -13.33
CA VAL A 110 -2.83 15.23 -14.23
C VAL A 110 -4.12 15.07 -13.45
N PRO A 111 -5.26 15.29 -14.10
CA PRO A 111 -6.57 15.04 -13.45
C PRO A 111 -6.64 13.58 -13.01
N ALA A 112 -7.04 13.35 -11.74
CA ALA A 112 -7.21 12.00 -11.25
C ALA A 112 -8.18 11.97 -10.14
N VAL A 113 -8.83 10.83 -9.97
CA VAL A 113 -9.72 10.61 -8.86
C VAL A 113 -9.33 9.35 -8.12
N LYS A 114 -9.88 9.17 -6.92
CA LYS A 114 -9.67 7.93 -6.18
C LYS A 114 -10.50 6.82 -6.78
N PRO A 115 -9.83 5.76 -7.28
CA PRO A 115 -10.56 4.66 -7.95
C PRO A 115 -11.07 3.62 -6.96
N LEU A 116 -12.02 2.82 -7.42
CA LEU A 116 -12.37 1.62 -6.72
C LEU A 116 -11.23 0.60 -6.84
N PHE A 117 -11.09 -0.20 -5.79
CA PHE A 117 -10.21 -1.33 -5.78
C PHE A 117 -10.50 -2.26 -6.99
N ARG A 118 -11.78 -2.49 -7.26
CA ARG A 118 -12.19 -3.31 -8.40
C ARG A 118 -11.61 -2.76 -9.72
N GLU A 119 -11.57 -1.44 -9.92
N GLU A 119 -11.54 -1.43 -9.85
CA GLU A 119 -11.03 -0.89 -11.17
CA GLU A 119 -10.98 -0.71 -11.03
C GLU A 119 -9.54 -1.13 -11.24
C GLU A 119 -9.47 -0.88 -11.16
N LEU A 120 -8.85 -0.86 -10.13
N LEU A 120 -8.77 -0.87 -10.03
CA LEU A 120 -7.44 -1.14 -10.06
CA LEU A 120 -7.35 -1.18 -10.00
C LEU A 120 -7.17 -2.58 -10.51
C LEU A 120 -7.13 -2.60 -10.49
N ILE A 121 -7.91 -3.55 -9.94
CA ILE A 121 -7.71 -4.95 -10.30
C ILE A 121 -7.98 -5.20 -11.81
N GLU A 122 -9.11 -4.67 -12.28
N GLU A 122 -9.11 -4.68 -12.27
CA GLU A 122 -9.55 -4.96 -13.65
CA GLU A 122 -9.54 -4.82 -13.69
C GLU A 122 -8.58 -4.30 -14.66
C GLU A 122 -8.42 -4.37 -14.56
N THR A 123 -7.97 -3.17 -14.29
CA THR A 123 -6.93 -2.53 -15.10
C THR A 123 -5.67 -3.37 -15.11
N ALA A 124 -5.16 -3.73 -13.94
CA ALA A 124 -3.93 -4.46 -13.82
C ALA A 124 -4.04 -5.84 -14.48
N GLU A 125 -5.14 -6.55 -14.22
CA GLU A 125 -5.29 -7.89 -14.78
C GLU A 125 -5.38 -7.86 -16.29
N LYS A 126 -5.99 -6.82 -16.85
CA LYS A 126 -6.03 -6.73 -18.36
C LYS A 126 -4.61 -6.61 -18.92
N LEU A 127 -3.75 -5.92 -18.20
CA LEU A 127 -2.40 -5.65 -18.67
C LEU A 127 -1.43 -6.77 -18.35
N SER A 128 -1.66 -7.52 -17.27
CA SER A 128 -0.72 -8.53 -16.89
C SER A 128 -1.38 -9.63 -16.10
N ALA A 129 -0.99 -10.87 -16.40
CA ALA A 129 -1.42 -11.97 -15.59
C ALA A 129 -0.39 -12.30 -14.51
N LYS A 130 0.78 -11.67 -14.51
CA LYS A 130 1.81 -11.98 -13.53
C LYS A 130 1.98 -10.91 -12.42
N ILE A 131 1.33 -9.77 -12.61
CA ILE A 131 1.45 -8.68 -11.62
C ILE A 131 1.02 -9.16 -10.23
N GLN A 132 1.71 -8.68 -9.21
CA GLN A 132 1.37 -8.92 -7.84
C GLN A 132 0.84 -7.63 -7.19
N TYR A 133 0.14 -7.81 -6.06
CA TYR A 133 -0.53 -6.75 -5.35
C TYR A 133 -0.09 -6.80 -3.88
N ASN A 134 0.09 -5.62 -3.28
CA ASN A 134 0.31 -5.50 -1.87
C ASN A 134 -0.62 -4.42 -1.38
N GLY A 135 -1.75 -4.83 -0.81
CA GLY A 135 -2.80 -3.90 -0.42
C GLY A 135 -2.91 -3.73 1.07
N GLU A 136 -2.93 -2.46 1.48
CA GLU A 136 -2.90 -2.10 2.91
C GLU A 136 -4.29 -1.83 3.44
N ILE A 137 -4.69 -2.57 4.46
CA ILE A 137 -5.86 -2.23 5.24
C ILE A 137 -5.57 -1.11 6.21
N LYS A 138 -6.07 0.07 5.87
CA LYS A 138 -5.86 1.23 6.68
C LYS A 138 -6.83 1.40 7.86
N SER A 139 -6.72 0.48 8.82
CA SER A 139 -7.57 0.47 10.01
C SER A 139 -6.72 0.86 11.23
N THR A 140 -7.40 1.48 12.19
CA THR A 140 -6.85 1.69 13.51
C THR A 140 -8.00 1.47 14.50
N VAL A 141 -7.64 1.06 15.71
CA VAL A 141 -8.62 0.83 16.78
C VAL A 141 -9.51 2.04 17.00
N GLU A 142 -8.91 3.22 17.00
CA GLU A 142 -9.64 4.44 17.28
C GLU A 142 -10.60 4.79 16.15
N GLY A 143 -10.37 4.27 14.95
CA GLY A 143 -11.20 4.57 13.80
C GLY A 143 -12.45 3.76 13.57
N ASP A 144 -12.55 2.61 14.29
CA ASP A 144 -13.67 1.73 14.09
C ASP A 144 -14.98 2.49 14.27
N ASN A 145 -15.86 2.30 13.29
CA ASN A 145 -17.21 2.92 13.21
C ASN A 145 -17.21 4.40 12.86
N ILE A 146 -16.05 5.02 12.81
CA ILE A 146 -15.96 6.46 12.56
C ILE A 146 -15.31 6.66 11.18
N ASP A 147 -14.13 6.07 11.00
CA ASP A 147 -13.29 6.24 9.80
C ASP A 147 -13.35 5.07 8.86
N HIS A 148 -13.88 3.93 9.34
CA HIS A 148 -13.96 2.72 8.57
C HIS A 148 -14.78 1.71 9.39
N PRO A 149 -15.16 0.58 8.78
CA PRO A 149 -15.94 -0.42 9.54
C PRO A 149 -15.11 -1.13 10.64
N ASN A 150 -15.81 -1.96 11.37
CA ASN A 150 -15.16 -2.98 12.18
C ASN A 150 -14.27 -3.88 11.32
N ILE A 151 -13.37 -4.56 12.03
CA ILE A 151 -12.33 -5.36 11.39
C ILE A 151 -12.92 -6.38 10.43
N ALA A 152 -13.89 -7.17 10.91
CA ALA A 152 -14.44 -8.23 10.05
C ALA A 152 -14.99 -7.69 8.75
N LEU A 153 -15.76 -6.63 8.82
CA LEU A 153 -16.41 -6.05 7.61
C LEU A 153 -15.35 -5.46 6.69
N PHE A 154 -14.41 -4.68 7.26
CA PHE A 154 -13.33 -4.06 6.46
C PHE A 154 -12.63 -5.18 5.69
N CYS A 155 -12.22 -6.22 6.40
CA CYS A 155 -11.47 -7.29 5.75
C CYS A 155 -12.33 -8.08 4.77
N ASP A 156 -13.57 -8.35 5.17
CA ASP A 156 -14.43 -9.16 4.30
C ASP A 156 -14.70 -8.42 3.00
N LEU A 157 -14.93 -7.12 3.05
CA LEU A 157 -15.20 -6.37 1.80
C LEU A 157 -13.98 -6.43 0.88
N VAL A 158 -12.78 -6.28 1.42
CA VAL A 158 -11.55 -6.37 0.60
C VAL A 158 -11.41 -7.76 0.01
N VAL A 159 -11.58 -8.78 0.85
CA VAL A 159 -11.38 -10.15 0.43
C VAL A 159 -12.41 -10.57 -0.64
N ALA A 160 -13.63 -10.09 -0.55
CA ALA A 160 -14.65 -10.37 -1.55
C ALA A 160 -14.12 -9.95 -2.93
N GLU A 161 -13.42 -8.83 -3.00
N GLU A 161 -13.44 -8.82 -3.02
CA GLU A 161 -12.93 -8.33 -4.28
CA GLU A 161 -12.90 -8.36 -4.32
C GLU A 161 -11.76 -9.16 -4.82
C GLU A 161 -11.78 -9.25 -4.82
N ILE A 162 -10.87 -9.60 -3.92
CA ILE A 162 -9.79 -10.50 -4.23
C ILE A 162 -10.30 -11.83 -4.81
N LYS A 163 -11.27 -12.42 -4.14
CA LYS A 163 -11.81 -13.72 -4.56
C LYS A 163 -12.59 -13.57 -5.89
N LYS A 164 -13.36 -12.49 -6.03
CA LYS A 164 -14.14 -12.25 -7.27
C LYS A 164 -13.21 -12.25 -8.50
N ALA A 165 -12.03 -11.63 -8.34
CA ALA A 165 -11.05 -11.47 -9.43
C ALA A 165 -10.09 -12.62 -9.57
N HIS A 166 -10.17 -13.58 -8.64
CA HIS A 166 -9.30 -14.71 -8.64
C HIS A 166 -7.82 -14.34 -8.60
N ILE A 167 -7.50 -13.36 -7.75
CA ILE A 167 -6.12 -12.92 -7.63
C ILE A 167 -5.43 -13.31 -6.29
N THR A 168 -6.07 -14.19 -5.52
CA THR A 168 -5.54 -14.62 -4.23
C THR A 168 -4.08 -14.98 -4.22
N ASP A 169 -3.59 -15.76 -5.17
N ASP A 169 -3.61 -15.76 -5.20
CA ASP A 169 -2.24 -16.25 -5.10
CA ASP A 169 -2.24 -16.27 -5.18
C ASP A 169 -1.19 -15.21 -5.51
C ASP A 169 -1.20 -15.18 -5.43
N ARG A 170 -1.66 -14.05 -5.99
CA ARG A 170 -0.77 -12.94 -6.33
C ARG A 170 -1.00 -11.71 -5.42
N PHE A 171 -1.67 -11.94 -4.29
CA PHE A 171 -2.09 -10.89 -3.41
C PHE A 171 -1.42 -11.02 -2.05
N THR A 172 -0.87 -9.90 -1.55
CA THR A 172 -0.46 -9.80 -0.15
C THR A 172 -1.24 -8.72 0.52
N LEU A 173 -1.76 -9.02 1.71
CA LEU A 173 -2.55 -8.07 2.50
C LEU A 173 -1.62 -7.56 3.59
N GLN A 174 -1.40 -6.25 3.62
CA GLN A 174 -0.49 -5.66 4.58
C GLN A 174 -1.24 -4.79 5.53
N SER A 175 -0.78 -4.72 6.78
CA SER A 175 -1.38 -3.79 7.72
C SER A 175 -0.46 -3.52 8.89
N PHE A 176 -0.61 -2.31 9.46
CA PHE A 176 -0.04 -2.03 10.78
C PHE A 176 -0.90 -2.61 11.89
N ASP A 177 -2.17 -2.84 11.60
CA ASP A 177 -3.20 -3.18 12.62
C ASP A 177 -3.13 -4.66 12.85
N VAL A 178 -2.52 -5.10 13.97
CA VAL A 178 -2.44 -6.53 14.28
C VAL A 178 -3.79 -7.23 14.27
N ARG A 179 -4.86 -6.51 14.57
CA ARG A 179 -6.20 -7.09 14.60
C ARG A 179 -6.59 -7.52 13.20
N ALA A 180 -6.30 -6.69 12.20
CA ALA A 180 -6.64 -7.03 10.82
C ALA A 180 -5.78 -8.24 10.38
N LEU A 181 -4.49 -8.30 10.78
CA LEU A 181 -3.65 -9.47 10.43
C LEU A 181 -4.17 -10.77 11.08
N GLU A 182 -4.57 -10.67 12.34
CA GLU A 182 -5.10 -11.87 13.03
C GLU A 182 -6.37 -12.36 12.35
N TYR A 183 -7.27 -11.44 12.04
CA TYR A 183 -8.55 -11.78 11.39
C TYR A 183 -8.30 -12.44 10.06
N MSE A 184 -7.45 -11.82 9.24
CA MSE A 184 -7.09 -12.39 7.94
C MSE A 184 -6.49 -13.77 8.05
O MSE A 184 -6.84 -14.70 7.30
CB MSE A 184 -6.08 -11.52 7.20
CG MSE A 184 -6.57 -10.18 6.74
SE MSE A 184 -7.90 -10.30 5.33
CE MSE A 184 -6.84 -11.23 4.03
N HIS A 185 -5.57 -13.95 9.00
CA HIS A 185 -4.91 -15.22 9.16
C HIS A 185 -5.85 -16.31 9.55
N SER A 186 -6.82 -16.01 10.41
N SER A 186 -6.81 -16.00 10.42
CA SER A 186 -7.75 -17.07 10.84
CA SER A 186 -7.78 -17.02 10.82
C SER A 186 -8.91 -17.32 9.89
C SER A 186 -8.79 -17.33 9.72
N GLN A 187 -9.38 -16.28 9.16
CA GLN A 187 -10.48 -16.43 8.24
C GLN A 187 -10.09 -16.76 6.80
N TYR A 188 -8.96 -16.22 6.37
CA TYR A 188 -8.51 -16.32 4.98
C TYR A 188 -7.05 -16.69 4.91
N PRO A 189 -6.67 -17.86 5.45
CA PRO A 189 -5.26 -18.26 5.56
C PRO A 189 -4.51 -18.43 4.26
N ASP A 190 -5.23 -18.45 3.13
CA ASP A 190 -4.56 -18.59 1.83
C ASP A 190 -4.00 -17.26 1.28
N ILE A 191 -4.29 -16.14 1.96
CA ILE A 191 -3.80 -14.86 1.48
C ILE A 191 -2.59 -14.45 2.28
N LYS A 192 -1.45 -14.30 1.61
CA LYS A 192 -0.18 -13.93 2.23
C LYS A 192 -0.35 -12.61 3.00
N LEU A 193 0.28 -12.50 4.20
CA LEU A 193 0.21 -11.28 4.98
C LEU A 193 1.58 -10.65 5.11
N SER A 194 1.57 -9.31 5.13
CA SER A 194 2.70 -8.53 5.45
C SER A 194 2.45 -7.65 6.69
N TYR A 195 3.38 -7.75 7.65
CA TYR A 195 3.30 -7.03 8.87
C TYR A 195 4.14 -5.74 8.81
N LEU A 196 3.42 -4.65 8.78
CA LEU A 196 3.99 -3.32 8.76
C LEU A 196 4.35 -2.90 10.17
N VAL A 197 5.59 -2.42 10.30
CA VAL A 197 6.18 -2.02 11.58
C VAL A 197 6.84 -0.66 11.45
N GLU A 198 6.49 0.22 12.37
CA GLU A 198 7.16 1.56 12.42
C GLU A 198 7.64 1.99 13.81
N THR A 199 7.52 1.15 14.82
CA THR A 199 7.85 1.55 16.19
C THR A 199 9.23 0.96 16.54
N LYS A 200 9.81 1.57 17.56
CA LYS A 200 10.98 1.04 18.20
C LYS A 200 10.67 -0.32 18.84
N GLY A 201 11.60 -1.22 18.67
CA GLY A 201 11.48 -2.54 19.25
C GLY A 201 12.40 -3.55 18.64
N THR A 202 12.82 -4.51 19.45
CA THR A 202 13.49 -5.65 18.89
C THR A 202 12.56 -6.44 17.95
N LEU A 203 13.16 -7.18 17.03
CA LEU A 203 12.37 -8.02 16.14
C LEU A 203 11.53 -8.99 16.96
N LYS A 204 12.13 -9.59 18.01
CA LYS A 204 11.39 -10.53 18.85
C LYS A 204 10.17 -9.88 19.47
N LYS A 205 10.33 -8.66 20.00
N LYS A 205 10.34 -8.67 20.00
CA LYS A 205 9.19 -7.97 20.63
CA LYS A 205 9.22 -7.94 20.60
C LYS A 205 8.11 -7.50 19.60
C LYS A 205 8.11 -7.68 19.54
N GLN A 206 8.52 -7.24 18.36
CA GLN A 206 7.54 -6.92 17.33
C GLN A 206 6.76 -8.20 16.96
N LEU A 207 7.49 -9.31 16.78
CA LEU A 207 6.84 -10.51 16.35
C LEU A 207 5.94 -11.11 17.42
N GLU A 208 6.25 -10.83 18.69
CA GLU A 208 5.39 -11.33 19.78
C GLU A 208 4.02 -10.66 19.82
N LYS A 209 3.84 -9.59 19.05
CA LYS A 209 2.56 -8.89 18.94
C LYS A 209 1.55 -9.66 18.05
N LEU A 210 2.02 -10.68 17.35
CA LEU A 210 1.17 -11.54 16.51
C LEU A 210 1.23 -12.96 17.03
N SER A 211 0.17 -13.73 16.79
CA SER A 211 0.10 -15.13 17.18
C SER A 211 0.70 -16.12 16.17
N PHE A 212 1.24 -15.61 15.07
CA PHE A 212 1.71 -16.41 13.97
C PHE A 212 2.80 -15.61 13.27
N THR A 213 3.51 -16.30 12.40
CA THR A 213 4.61 -15.69 11.63
C THR A 213 4.03 -15.34 10.26
N PRO A 214 4.02 -14.04 9.91
CA PRO A 214 3.49 -13.63 8.61
C PRO A 214 4.48 -13.95 7.49
N ALA A 215 4.00 -13.85 6.26
CA ALA A 215 4.86 -14.05 5.12
C ALA A 215 6.02 -13.01 4.96
N VAL A 216 5.67 -11.75 5.24
CA VAL A 216 6.54 -10.63 4.98
C VAL A 216 6.63 -9.81 6.25
N TYR A 217 7.86 -9.41 6.59
CA TYR A 217 8.12 -8.43 7.60
C TYR A 217 8.46 -7.13 6.84
N SER A 218 7.73 -6.06 7.13
CA SER A 218 7.80 -4.85 6.29
C SER A 218 7.98 -3.64 7.22
N PRO A 219 9.23 -3.37 7.65
CA PRO A 219 9.54 -2.26 8.53
C PRO A 219 9.97 -0.97 7.82
N ASP A 220 9.72 0.15 8.51
CA ASP A 220 10.34 1.43 8.16
C ASP A 220 11.83 1.16 7.96
N VAL A 221 12.34 1.65 6.84
CA VAL A 221 13.74 1.44 6.49
C VAL A 221 14.70 1.79 7.63
N THR A 222 14.37 2.83 8.40
CA THR A 222 15.30 3.24 9.47
C THR A 222 15.54 2.13 10.48
N LEU A 223 14.59 1.20 10.58
CA LEU A 223 14.62 0.11 11.56
C LEU A 223 15.40 -1.13 11.13
N VAL A 224 15.72 -1.20 9.84
CA VAL A 224 16.31 -2.38 9.28
C VAL A 224 17.75 -2.56 9.73
N SER A 225 18.05 -3.78 10.15
CA SER A 225 19.41 -4.24 10.39
C SER A 225 19.68 -5.56 9.79
N LYS A 226 20.96 -5.80 9.49
N LYS A 226 20.97 -5.83 9.60
CA LYS A 226 21.34 -7.04 8.88
CA LYS A 226 21.40 -7.12 9.11
C LYS A 226 21.02 -8.20 9.82
C LYS A 226 20.97 -8.26 10.06
N LYS A 227 21.21 -7.98 11.11
N LYS A 227 21.16 -8.08 11.36
CA LYS A 227 20.88 -8.99 12.09
CA LYS A 227 20.80 -9.14 12.31
C LYS A 227 19.39 -9.37 11.99
C LYS A 227 19.29 -9.41 12.26
N ASP A 228 18.49 -8.38 12.00
CA ASP A 228 17.03 -8.60 11.97
C ASP A 228 16.63 -9.25 10.64
N ILE A 229 17.30 -8.86 9.55
CA ILE A 229 17.02 -9.48 8.26
C ILE A 229 17.32 -10.99 8.35
N ASP A 230 18.49 -11.31 8.88
CA ASP A 230 18.93 -12.69 8.99
C ASP A 230 18.01 -13.49 9.94
N ALA A 231 17.59 -12.88 11.04
CA ALA A 231 16.65 -13.51 11.95
C ALA A 231 15.30 -13.78 11.28
N ALA A 232 14.82 -12.79 10.53
CA ALA A 232 13.53 -12.93 9.83
C ALA A 232 13.62 -14.04 8.81
N HIS A 233 14.73 -14.11 8.06
CA HIS A 233 14.96 -15.18 7.10
C HIS A 233 14.94 -16.57 7.74
N LYS A 234 15.50 -16.70 8.93
N LYS A 234 15.55 -16.68 8.92
CA LYS A 234 15.53 -17.99 9.64
CA LYS A 234 15.57 -17.93 9.69
C LYS A 234 14.15 -18.43 10.09
C LYS A 234 14.15 -18.42 9.93
N LEU A 235 13.23 -17.47 10.21
CA LEU A 235 11.81 -17.78 10.44
C LEU A 235 11.00 -17.99 9.17
N GLY A 236 11.64 -17.84 8.02
CA GLY A 236 10.98 -18.08 6.77
C GLY A 236 10.25 -16.85 6.22
N MSE A 237 10.50 -15.68 6.83
CA MSE A 237 9.89 -14.40 6.36
C MSE A 237 10.75 -13.76 5.32
O MSE A 237 11.97 -13.88 5.35
CB MSE A 237 9.76 -13.41 7.50
CG MSE A 237 8.73 -13.85 8.49
SE MSE A 237 8.37 -12.52 9.81
CE MSE A 237 10.01 -12.70 10.70
N ARG A 238 10.11 -13.03 4.40
CA ARG A 238 10.80 -12.11 3.52
C ARG A 238 10.74 -10.73 4.13
N VAL A 239 11.75 -9.94 3.86
CA VAL A 239 11.91 -8.60 4.42
C VAL A 239 11.84 -7.55 3.30
N ILE A 240 10.84 -6.68 3.37
CA ILE A 240 10.54 -5.69 2.34
C ILE A 240 10.30 -4.33 2.98
N PRO A 241 11.36 -3.51 3.11
CA PRO A 241 11.21 -2.22 3.77
C PRO A 241 10.63 -1.12 2.89
N TRP A 242 10.24 -0.05 3.57
CA TRP A 242 9.60 1.10 2.94
C TRP A 242 10.05 2.38 3.63
N THR A 243 9.86 3.55 3.00
CA THR A 243 9.66 3.78 1.61
C THR A 243 10.99 4.35 1.16
N VAL A 244 11.64 3.64 0.24
CA VAL A 244 13.06 3.86 -0.09
C VAL A 244 13.21 4.51 -1.46
N ASN A 245 13.70 5.77 -1.47
CA ASN A 245 13.53 6.65 -2.61
C ASN A 245 14.85 7.13 -3.24
N THR A 246 15.97 6.52 -2.89
CA THR A 246 17.26 6.83 -3.51
C THR A 246 17.94 5.54 -3.92
N LYS A 247 18.72 5.60 -5.01
CA LYS A 247 19.42 4.48 -5.50
C LYS A 247 20.40 3.94 -4.46
N GLU A 248 21.11 4.82 -3.79
CA GLU A 248 22.15 4.38 -2.88
C GLU A 248 21.52 3.61 -1.70
N GLU A 249 20.37 4.09 -1.19
CA GLU A 249 19.70 3.41 -0.08
C GLU A 249 19.22 2.03 -0.48
N ILE A 250 18.72 1.93 -1.71
CA ILE A 250 18.25 0.64 -2.27
C ILE A 250 19.43 -0.33 -2.36
N GLU A 251 20.55 0.20 -2.87
CA GLU A 251 21.76 -0.63 -3.00
C GLU A 251 22.28 -1.10 -1.63
N THR A 252 22.30 -0.23 -0.63
CA THR A 252 22.68 -0.63 0.73
C THR A 252 21.78 -1.75 1.23
N LEU A 253 20.48 -1.57 1.07
CA LEU A 253 19.57 -2.62 1.54
C LEU A 253 19.71 -3.97 0.81
N ILE A 254 19.89 -3.92 -0.50
CA ILE A 254 20.11 -5.13 -1.28
C ILE A 254 21.36 -5.85 -0.72
N SER A 255 22.40 -5.10 -0.41
CA SER A 255 23.63 -5.70 0.15
C SER A 255 23.44 -6.35 1.52
N LEU A 256 22.46 -5.92 2.29
CA LEU A 256 22.14 -6.49 3.59
C LEU A 256 21.23 -7.69 3.49
N GLY A 257 20.70 -7.94 2.29
CA GLY A 257 19.86 -9.12 2.14
C GLY A 257 18.34 -8.98 2.07
N VAL A 258 17.83 -7.74 1.90
CA VAL A 258 16.38 -7.62 1.76
C VAL A 258 15.87 -8.33 0.50
N ASP A 259 14.56 -8.67 0.57
CA ASP A 259 13.86 -9.41 -0.48
C ASP A 259 13.04 -8.58 -1.45
N GLY A 260 12.99 -7.28 -1.19
CA GLY A 260 12.21 -6.37 -1.99
C GLY A 260 12.36 -4.96 -1.46
N ILE A 261 11.74 -4.05 -2.20
CA ILE A 261 11.74 -2.62 -1.87
C ILE A 261 10.42 -2.02 -2.24
N ILE A 262 9.88 -1.22 -1.31
CA ILE A 262 8.74 -0.36 -1.57
C ILE A 262 9.31 1.04 -1.81
N THR A 263 8.99 1.59 -2.98
CA THR A 263 9.51 2.89 -3.37
C THR A 263 8.55 3.78 -4.13
N ASP A 264 8.62 5.08 -3.85
CA ASP A 264 7.85 6.07 -4.62
C ASP A 264 8.37 6.24 -6.05
N TYR A 265 9.62 5.82 -6.28
CA TYR A 265 10.32 6.00 -7.55
C TYR A 265 10.76 4.67 -8.15
N PRO A 266 9.79 3.82 -8.56
CA PRO A 266 10.13 2.51 -9.08
C PRO A 266 10.97 2.59 -10.37
N ASP A 267 10.93 3.73 -11.06
CA ASP A 267 11.82 4.00 -12.19
C ASP A 267 13.33 3.86 -11.86
N LEU A 268 13.70 4.00 -10.58
CA LEU A 268 15.09 3.81 -10.18
C LEU A 268 15.63 2.44 -10.64
N PHE A 269 14.78 1.44 -10.67
CA PHE A 269 15.19 0.10 -10.98
C PHE A 269 15.38 -0.13 -12.46
N PHE A 270 14.85 0.75 -13.31
CA PHE A 270 14.84 0.57 -14.76
C PHE A 270 15.70 1.64 -15.47
N GLU A 271 16.26 2.57 -14.70
CA GLU A 271 17.33 3.50 -15.13
C GLU A 271 18.68 2.79 -15.36
N LYS A 272 19.11 2.77 -16.62
CA LYS A 272 20.38 2.16 -17.01
C LYS A 272 21.54 3.11 -16.68
C1 CIT B . 3.91 1.58 3.57
O1 CIT B . 4.62 0.56 3.49
O2 CIT B . 3.07 1.76 2.65
C2 CIT B . 4.11 2.58 4.68
C3 CIT B . 2.94 3.41 5.05
O7 CIT B . 1.93 2.52 5.57
C4 CIT B . 3.37 4.43 6.09
C5 CIT B . 2.30 5.21 6.73
O3 CIT B . 1.41 5.73 6.06
O4 CIT B . 2.32 5.38 7.99
C6 CIT B . 2.36 4.14 3.86
O5 CIT B . 3.17 4.85 3.18
O6 CIT B . 1.11 3.99 3.62
C1 EDO C . 1.95 13.84 6.35
O1 EDO C . 1.12 12.75 5.89
C2 EDO C . 1.70 15.11 5.53
O2 EDO C . 1.00 16.14 6.24
C1 EDO D . 10.85 4.46 12.79
O1 EDO D . 10.46 4.42 14.17
C2 EDO D . 10.83 5.90 12.30
O2 EDO D . 11.43 6.09 11.04
C1 EDO E . 11.04 5.58 5.51
O1 EDO E . 9.88 6.02 4.84
C2 EDO E . 11.66 6.70 6.35
O2 EDO E . 11.08 6.76 7.65
C1 EDO F . 4.78 -16.92 16.99
O1 EDO F . 4.48 -17.49 15.70
C2 EDO F . 4.19 -15.51 17.06
O2 EDO F . 4.57 -14.78 18.24
C1 EDO G . -12.91 18.42 -8.70
O1 EDO G . -12.61 18.29 -7.30
C2 EDO G . -13.86 19.60 -9.02
O2 EDO G . -14.46 19.47 -10.33
C1 EDO H . 13.87 7.14 3.18
O1 EDO H . 15.20 7.30 3.74
C2 EDO H . 13.73 7.86 1.84
O2 EDO H . 14.51 7.34 0.78
C1 EDO I . 10.02 8.47 1.88
O1 EDO I . 10.24 8.44 3.27
C2 EDO I . 8.54 8.68 1.64
O2 EDO I . 8.17 9.97 2.14
C1 EDO J . -15.12 -12.43 1.60
O1 EDO J . -15.20 -13.61 0.73
C2 EDO J . -16.31 -12.42 2.54
O2 EDO J . -17.39 -11.69 1.95
C1 EDO K . -20.07 -8.14 3.18
O1 EDO K . -20.77 -9.38 3.33
C2 EDO K . -18.60 -8.50 3.16
O2 EDO K . -18.22 -9.17 1.93
C1 EDO L . 25.91 -0.63 -0.95
C1 EDO L . 26.43 -0.49 0.34
O1 EDO L . 26.76 -1.54 -1.65
O1 EDO L . 26.70 -1.85 -0.01
C2 EDO L . 26.75 0.05 0.11
C2 EDO L . 27.71 0.33 0.26
O2 EDO L . 27.27 1.26 -0.44
O2 EDO L . 28.50 0.13 1.43
C1 EDO M . -8.38 26.36 -4.14
O1 EDO M . -8.92 25.09 -3.75
C2 EDO M . -9.57 27.30 -4.32
O2 EDO M . -10.35 27.45 -3.10
C1 EDO N . 5.72 10.39 -14.76
O1 EDO N . 7.13 10.06 -14.79
C2 EDO N . 5.20 10.62 -16.17
O2 EDO N . 5.61 9.54 -17.01
C1 EDO O . 8.05 -11.93 -4.57
O1 EDO O . 6.63 -12.14 -4.47
C2 EDO O . 8.50 -11.50 -5.98
O2 EDO O . 8.02 -12.44 -6.97
C1 EDO P . 10.79 15.63 -4.84
O1 EDO P . 10.54 16.15 -6.16
C2 EDO P . 10.90 16.74 -3.80
O2 EDO P . 9.68 17.49 -3.70
C1 EDO Q . -13.85 14.97 -11.24
O1 EDO Q . -13.70 14.50 -12.60
C2 EDO Q . -12.54 15.57 -10.73
O2 EDO Q . -12.23 16.88 -11.26
C1 EDO R . -0.40 -12.45 20.13
O1 EDO R . -0.51 -13.74 20.72
C2 EDO R . -0.79 -11.35 21.12
O2 EDO R . 0.38 -10.79 21.72
C1 GOL S . 2.21 9.23 4.85
C1 GOL S . 2.55 9.99 4.42
O1 GOL S . 1.50 9.50 3.66
O1 GOL S . 1.86 9.81 3.19
C2 GOL S . 3.43 8.32 4.66
C2 GOL S . 3.85 9.16 4.58
O2 GOL S . 4.14 8.25 5.88
O2 GOL S . 4.38 9.47 5.86
C3 GOL S . 4.41 8.78 3.57
C3 GOL S . 4.93 9.51 3.56
O3 GOL S . 4.25 10.14 3.20
O3 GOL S . 5.61 8.39 3.08
#